data_7SHX
#
_entry.id   7SHX
#
_entity_poly.entity_id   1
_entity_poly.type   'polyribonucleotide'
_entity_poly.pdbx_seq_one_letter_code
;GGACCCAUAACCCACCUAGACCCUAGCUUCGGCUAGAGGGUCAACGCGAAAGCGAGGCCGGGUGGGCGGGUACGUCCGCC
CUGGGGAGGGGUCC
;
_entity_poly.pdbx_strand_id   A
#
loop_
_chem_comp.id
_chem_comp.type
_chem_comp.name
_chem_comp.formula
A RNA linking ADENOSINE-5'-MONOPHOSPHATE 'C10 H14 N5 O7 P'
C RNA linking CYTIDINE-5'-MONOPHOSPHATE 'C9 H14 N3 O8 P'
G RNA linking GUANOSINE-5'-MONOPHOSPHATE 'C10 H14 N5 O8 P'
U RNA linking URIDINE-5'-MONOPHOSPHATE 'C9 H13 N2 O9 P'
#